data_2KUK
#
_entry.id   2KUK
#
_cell.length_a   1.000
_cell.length_b   1.000
_cell.length_c   1.000
_cell.angle_alpha   90.00
_cell.angle_beta   90.00
_cell.angle_gamma   90.00
#
_symmetry.space_group_name_H-M   'P 1'
#
_entity_poly.entity_id   1
_entity_poly.type   'polypeptide(L)'
_entity_poly.pdbx_seq_one_letter_code
;CGETCFTGTCYTNGCTCDPWPVCTRNGLPV
;
_entity_poly.pdbx_strand_id   A
#
# COMPACT_ATOMS: atom_id res chain seq x y z
N CYS A 1 4.48 4.65 -0.74
CA CYS A 1 5.04 3.46 -0.14
C CYS A 1 6.04 2.83 -1.09
N GLY A 2 5.66 2.77 -2.34
CA GLY A 2 6.51 2.19 -3.36
C GLY A 2 6.22 0.71 -3.53
N GLU A 3 5.54 0.15 -2.55
CA GLU A 3 5.19 -1.26 -2.57
C GLU A 3 3.85 -1.49 -3.25
N THR A 4 3.61 -2.73 -3.61
CA THR A 4 2.39 -3.13 -4.28
C THR A 4 1.67 -4.19 -3.45
N CYS A 5 0.35 -4.22 -3.55
CA CYS A 5 -0.45 -5.17 -2.81
C CYS A 5 -1.47 -5.86 -3.69
N PHE A 6 -0.99 -6.64 -4.66
CA PHE A 6 -1.89 -7.36 -5.56
C PHE A 6 -2.83 -8.28 -4.79
N THR A 7 -2.38 -8.71 -3.61
CA THR A 7 -3.17 -9.58 -2.76
C THR A 7 -4.07 -8.80 -1.81
N GLY A 8 -4.09 -7.49 -1.97
CA GLY A 8 -4.89 -6.65 -1.12
C GLY A 8 -4.33 -6.59 0.28
N THR A 9 -3.01 -6.73 0.36
CA THR A 9 -2.30 -6.70 1.62
C THR A 9 -0.90 -6.16 1.40
N CYS A 10 -0.48 -5.23 2.24
CA CYS A 10 0.84 -4.65 2.10
C CYS A 10 1.85 -5.48 2.85
N TYR A 11 3.02 -5.53 2.28
CA TYR A 11 4.12 -6.28 2.82
C TYR A 11 4.91 -5.41 3.79
N THR A 12 4.82 -4.12 3.58
CA THR A 12 5.50 -3.15 4.44
C THR A 12 4.50 -2.47 5.37
N ASN A 13 4.93 -2.22 6.59
CA ASN A 13 4.09 -1.58 7.59
C ASN A 13 3.91 -0.10 7.25
N GLY A 14 2.96 0.52 7.92
CA GLY A 14 2.67 1.92 7.71
C GLY A 14 2.03 2.18 6.36
N CYS A 15 1.46 1.14 5.77
CA CYS A 15 0.79 1.26 4.48
C CYS A 15 -0.45 0.39 4.45
N THR A 16 -1.39 0.78 3.62
CA THR A 16 -2.62 0.05 3.46
C THR A 16 -2.95 -0.06 1.98
N CYS A 17 -3.62 -1.13 1.61
CA CYS A 17 -3.95 -1.39 0.22
C CYS A 17 -5.19 -0.60 -0.20
N ASP A 18 -5.07 0.71 -0.19
CA ASP A 18 -6.18 1.57 -0.59
C ASP A 18 -6.28 1.66 -2.12
N PRO A 19 -5.24 2.19 -2.81
CA PRO A 19 -5.23 2.29 -4.26
C PRO A 19 -4.64 1.06 -4.92
N TRP A 20 -5.31 -0.07 -4.75
CA TRP A 20 -4.88 -1.35 -5.31
C TRP A 20 -4.50 -1.19 -6.79
N PRO A 21 -3.42 -1.86 -7.20
CA PRO A 21 -2.64 -2.72 -6.33
C PRO A 21 -1.45 -2.00 -5.70
N VAL A 22 -1.71 -0.84 -5.11
CA VAL A 22 -0.65 -0.04 -4.49
C VAL A 22 -0.97 0.31 -3.03
N CYS A 23 0.07 0.43 -2.21
CA CYS A 23 -0.08 0.76 -0.80
C CYS A 23 -0.05 2.26 -0.57
N THR A 24 -0.77 2.71 0.46
CA THR A 24 -0.82 4.11 0.85
C THR A 24 -0.22 4.30 2.24
N ARG A 25 0.81 5.13 2.31
CA ARG A 25 1.49 5.45 3.55
C ARG A 25 0.89 6.73 4.09
N ASN A 26 0.13 6.61 5.17
CA ASN A 26 -0.54 7.74 5.80
C ASN A 26 -1.51 8.40 4.81
N GLY A 27 -2.13 7.56 3.98
CA GLY A 27 -3.08 8.04 3.00
C GLY A 27 -2.43 8.57 1.72
N LEU A 28 -1.13 8.34 1.56
CA LEU A 28 -0.43 8.79 0.36
C LEU A 28 0.29 7.62 -0.29
N PRO A 29 0.16 7.47 -1.62
CA PRO A 29 0.80 6.38 -2.36
C PRO A 29 2.32 6.52 -2.45
N VAL A 30 2.94 6.84 -1.33
CA VAL A 30 4.38 7.02 -1.25
C VAL A 30 5.04 5.84 -0.56
N CYS A 1 4.53 4.70 -0.73
CA CYS A 1 5.14 3.56 -0.06
C CYS A 1 6.21 2.98 -0.94
N GLY A 2 5.84 2.76 -2.19
CA GLY A 2 6.75 2.19 -3.16
C GLY A 2 6.45 0.72 -3.35
N GLU A 3 5.75 0.15 -2.38
CA GLU A 3 5.38 -1.25 -2.42
C GLU A 3 4.05 -1.45 -3.12
N THR A 4 3.73 -2.71 -3.38
CA THR A 4 2.49 -3.07 -4.03
C THR A 4 1.73 -4.11 -3.20
N CYS A 5 0.45 -4.31 -3.53
CA CYS A 5 -0.38 -5.26 -2.81
C CYS A 5 -1.40 -5.91 -3.72
N PHE A 6 -0.91 -6.71 -4.68
CA PHE A 6 -1.79 -7.41 -5.61
C PHE A 6 -2.75 -8.33 -4.86
N THR A 7 -2.35 -8.74 -3.66
CA THR A 7 -3.17 -9.62 -2.84
C THR A 7 -4.13 -8.85 -1.95
N GLY A 8 -4.13 -7.53 -2.09
CA GLY A 8 -4.99 -6.68 -1.29
C GLY A 8 -4.50 -6.59 0.13
N THR A 9 -3.20 -6.73 0.29
CA THR A 9 -2.55 -6.67 1.59
C THR A 9 -1.15 -6.13 1.42
N CYS A 10 -0.77 -5.16 2.22
CA CYS A 10 0.55 -4.59 2.12
C CYS A 10 1.55 -5.44 2.86
N TYR A 11 2.69 -5.55 2.24
CA TYR A 11 3.79 -6.33 2.77
C TYR A 11 4.66 -5.44 3.64
N THR A 12 4.59 -4.15 3.38
CA THR A 12 5.36 -3.17 4.13
C THR A 12 4.53 -2.62 5.29
N ASN A 13 5.20 -1.92 6.20
CA ASN A 13 4.54 -1.32 7.34
C ASN A 13 4.16 0.13 7.05
N GLY A 14 3.21 0.61 7.81
CA GLY A 14 2.73 1.97 7.67
C GLY A 14 2.02 2.21 6.36
N CYS A 15 1.51 1.14 5.75
CA CYS A 15 0.80 1.26 4.50
C CYS A 15 -0.38 0.33 4.46
N THR A 16 -1.35 0.70 3.65
CA THR A 16 -2.55 -0.08 3.48
C THR A 16 -2.89 -0.17 2.00
N CYS A 17 -3.55 -1.24 1.62
CA CYS A 17 -3.90 -1.46 0.22
C CYS A 17 -5.14 -0.69 -0.19
N ASP A 18 -5.05 0.62 -0.15
CA ASP A 18 -6.18 1.48 -0.53
C ASP A 18 -6.30 1.56 -2.05
N PRO A 19 -5.28 2.10 -2.76
CA PRO A 19 -5.30 2.21 -4.21
C PRO A 19 -4.69 1.00 -4.89
N TRP A 20 -5.34 -0.14 -4.74
CA TRP A 20 -4.89 -1.41 -5.32
C TRP A 20 -4.50 -1.23 -6.78
N PRO A 21 -3.41 -1.88 -7.20
CA PRO A 21 -2.63 -2.74 -6.34
C PRO A 21 -1.45 -2.00 -5.70
N VAL A 22 -1.72 -0.85 -5.12
CA VAL A 22 -0.68 -0.03 -4.49
C VAL A 22 -1.00 0.28 -3.03
N CYS A 23 0.04 0.47 -2.24
CA CYS A 23 -0.10 0.76 -0.81
C CYS A 23 -0.10 2.27 -0.55
N THR A 24 -0.81 2.68 0.50
CA THR A 24 -0.88 4.08 0.90
C THR A 24 -0.26 4.27 2.29
N ARG A 25 0.75 5.12 2.36
CA ARG A 25 1.43 5.44 3.58
C ARG A 25 0.93 6.78 4.08
N ASN A 26 0.22 6.76 5.19
CA ASN A 26 -0.37 7.98 5.77
C ASN A 26 -1.35 8.60 4.77
N GLY A 27 -2.11 7.74 4.10
CA GLY A 27 -3.09 8.19 3.12
C GLY A 27 -2.48 8.67 1.81
N LEU A 28 -1.22 8.34 1.57
CA LEU A 28 -0.54 8.74 0.35
C LEU A 28 0.20 7.56 -0.27
N PRO A 29 0.04 7.32 -1.58
CA PRO A 29 0.69 6.21 -2.28
C PRO A 29 2.20 6.44 -2.45
N VAL A 30 2.85 6.77 -1.36
CA VAL A 30 4.28 7.02 -1.35
C VAL A 30 5.01 5.92 -0.58
N CYS A 1 4.43 4.60 -0.97
CA CYS A 1 4.99 3.45 -0.29
C CYS A 1 6.02 2.81 -1.20
N GLY A 2 5.66 2.71 -2.47
CA GLY A 2 6.54 2.11 -3.45
C GLY A 2 6.25 0.64 -3.62
N GLU A 3 5.57 0.08 -2.64
CA GLU A 3 5.21 -1.33 -2.68
C GLU A 3 3.88 -1.54 -3.37
N THR A 4 3.61 -2.79 -3.69
CA THR A 4 2.38 -3.17 -4.35
C THR A 4 1.66 -4.24 -3.54
N CYS A 5 0.34 -4.27 -3.65
CA CYS A 5 -0.46 -5.22 -2.91
C CYS A 5 -1.49 -5.90 -3.80
N PHE A 6 -1.02 -6.68 -4.76
CA PHE A 6 -1.91 -7.38 -5.67
C PHE A 6 -2.85 -8.30 -4.90
N THR A 7 -2.37 -8.82 -3.78
CA THR A 7 -3.17 -9.70 -2.93
C THR A 7 -3.98 -8.90 -1.91
N GLY A 8 -4.04 -7.59 -2.10
CA GLY A 8 -4.80 -6.73 -1.19
C GLY A 8 -4.20 -6.70 0.19
N THR A 9 -2.89 -6.82 0.25
CA THR A 9 -2.17 -6.82 1.51
C THR A 9 -0.77 -6.26 1.30
N CYS A 10 -0.35 -5.35 2.18
CA CYS A 10 0.97 -4.76 2.08
C CYS A 10 1.95 -5.54 2.91
N TYR A 11 3.15 -5.61 2.40
CA TYR A 11 4.22 -6.32 3.05
C TYR A 11 4.95 -5.39 3.99
N THR A 12 4.86 -4.10 3.70
CA THR A 12 5.49 -3.09 4.52
C THR A 12 4.46 -2.47 5.47
N ASN A 13 4.87 -2.28 6.71
CA ASN A 13 4.00 -1.71 7.73
C ASN A 13 3.75 -0.23 7.45
N GLY A 14 2.68 0.28 8.03
CA GLY A 14 2.33 1.66 7.86
C GLY A 14 1.54 1.91 6.59
N CYS A 15 1.62 0.98 5.65
CA CYS A 15 0.91 1.10 4.40
C CYS A 15 -0.29 0.19 4.37
N THR A 16 -1.27 0.62 3.61
CA THR A 16 -2.51 -0.13 3.44
C THR A 16 -2.86 -0.21 1.97
N CYS A 17 -3.53 -1.27 1.58
CA CYS A 17 -3.90 -1.49 0.19
C CYS A 17 -5.14 -0.69 -0.19
N ASP A 18 -5.02 0.62 -0.15
CA ASP A 18 -6.14 1.49 -0.51
C ASP A 18 -6.28 1.60 -2.04
N PRO A 19 -5.27 2.14 -2.75
CA PRO A 19 -5.32 2.26 -4.19
C PRO A 19 -4.70 1.05 -4.89
N TRP A 20 -5.38 -0.08 -4.73
CA TRP A 20 -4.94 -1.35 -5.32
C TRP A 20 -4.55 -1.16 -6.79
N PRO A 21 -3.47 -1.82 -7.20
CA PRO A 21 -2.68 -2.69 -6.34
C PRO A 21 -1.49 -1.98 -5.72
N VAL A 22 -1.74 -0.83 -5.11
CA VAL A 22 -0.68 -0.03 -4.49
C VAL A 22 -0.98 0.29 -3.02
N CYS A 23 0.08 0.41 -2.24
CA CYS A 23 -0.03 0.71 -0.81
C CYS A 23 0.01 2.22 -0.55
N THR A 24 -0.65 2.63 0.53
CA THR A 24 -0.71 4.03 0.95
C THR A 24 -0.36 4.18 2.43
N ARG A 25 0.46 5.17 2.74
CA ARG A 25 0.84 5.46 4.11
C ARG A 25 0.68 6.94 4.35
N ASN A 26 0.02 7.28 5.44
CA ASN A 26 -0.26 8.66 5.80
C ASN A 26 -1.12 9.30 4.70
N GLY A 27 -2.01 8.49 4.13
CA GLY A 27 -2.90 8.94 3.08
C GLY A 27 -2.17 9.31 1.81
N LEU A 28 -1.07 8.62 1.54
CA LEU A 28 -0.27 8.90 0.34
C LEU A 28 0.28 7.61 -0.24
N PRO A 29 0.12 7.41 -1.56
CA PRO A 29 0.62 6.21 -2.24
C PRO A 29 2.11 6.30 -2.53
N VAL A 30 2.84 6.77 -1.54
CA VAL A 30 4.28 6.91 -1.64
C VAL A 30 4.97 5.80 -0.85
N CYS A 1 4.82 4.30 -0.56
CA CYS A 1 5.34 3.10 0.10
C CYS A 1 6.32 2.39 -0.80
N GLY A 2 6.09 2.52 -2.10
CA GLY A 2 6.96 1.87 -3.07
C GLY A 2 6.52 0.46 -3.37
N GLU A 3 5.83 -0.15 -2.43
CA GLU A 3 5.34 -1.51 -2.59
C GLU A 3 3.97 -1.57 -3.23
N THR A 4 3.57 -2.79 -3.52
CA THR A 4 2.28 -3.05 -4.12
C THR A 4 1.48 -4.01 -3.24
N CYS A 5 0.23 -4.26 -3.60
CA CYS A 5 -0.60 -5.15 -2.82
C CYS A 5 -1.64 -5.83 -3.68
N PHE A 6 -1.19 -6.57 -4.70
CA PHE A 6 -2.11 -7.29 -5.59
C PHE A 6 -3.01 -8.23 -4.79
N THR A 7 -2.49 -8.73 -3.67
CA THR A 7 -3.23 -9.63 -2.81
C THR A 7 -4.02 -8.89 -1.74
N GLY A 8 -4.11 -7.57 -1.89
CA GLY A 8 -4.82 -6.76 -0.93
C GLY A 8 -4.12 -6.76 0.42
N THR A 9 -2.80 -6.82 0.37
CA THR A 9 -1.97 -6.84 1.55
C THR A 9 -0.64 -6.15 1.24
N CYS A 10 -0.23 -5.26 2.12
CA CYS A 10 1.00 -4.53 1.92
C CYS A 10 2.17 -5.21 2.58
N TYR A 11 3.30 -5.06 1.93
CA TYR A 11 4.55 -5.61 2.39
C TYR A 11 5.22 -4.60 3.29
N THR A 12 4.91 -3.33 3.05
CA THR A 12 5.45 -2.24 3.85
C THR A 12 4.53 -1.92 5.01
N ASN A 13 5.10 -1.74 6.19
CA ASN A 13 4.32 -1.41 7.38
C ASN A 13 3.82 0.01 7.31
N GLY A 14 2.75 0.28 8.04
CA GLY A 14 2.16 1.59 8.08
C GLY A 14 1.44 1.95 6.79
N CYS A 15 1.40 1.02 5.85
CA CYS A 15 0.74 1.23 4.59
C CYS A 15 -0.52 0.40 4.51
N THR A 16 -1.43 0.82 3.68
CA THR A 16 -2.68 0.13 3.48
C THR A 16 -2.99 0.02 2.00
N CYS A 17 -3.63 -1.07 1.62
CA CYS A 17 -3.98 -1.32 0.22
C CYS A 17 -5.23 -0.58 -0.17
N ASP A 18 -5.16 0.74 -0.14
CA ASP A 18 -6.31 1.55 -0.52
C ASP A 18 -6.43 1.66 -2.03
N PRO A 19 -5.42 2.21 -2.74
CA PRO A 19 -5.46 2.32 -4.19
C PRO A 19 -4.89 1.09 -4.86
N TRP A 20 -5.55 -0.05 -4.64
CA TRP A 20 -5.13 -1.33 -5.22
C TRP A 20 -4.80 -1.18 -6.70
N PRO A 21 -3.72 -1.84 -7.14
CA PRO A 21 -2.90 -2.68 -6.28
C PRO A 21 -1.70 -1.94 -5.71
N VAL A 22 -1.96 -0.78 -5.12
CA VAL A 22 -0.89 0.05 -4.55
C VAL A 22 -1.16 0.37 -3.07
N CYS A 23 -0.07 0.57 -2.32
CA CYS A 23 -0.14 0.88 -0.89
C CYS A 23 -0.11 2.39 -0.65
N THR A 24 -0.70 2.80 0.46
CA THR A 24 -0.74 4.20 0.85
C THR A 24 -0.37 4.37 2.32
N ARG A 25 0.72 5.08 2.56
CA ARG A 25 1.19 5.34 3.91
C ARG A 25 0.54 6.63 4.37
N ASN A 26 -0.51 6.49 5.17
CA ASN A 26 -1.28 7.62 5.69
C ASN A 26 -1.99 8.32 4.54
N GLY A 27 -2.43 7.51 3.58
CA GLY A 27 -3.14 8.04 2.41
C GLY A 27 -2.19 8.47 1.30
N LEU A 28 -0.90 8.29 1.48
CA LEU A 28 0.08 8.67 0.47
C LEU A 28 0.72 7.43 -0.15
N PRO A 29 0.62 7.27 -1.47
CA PRO A 29 1.19 6.11 -2.18
C PRO A 29 2.70 6.18 -2.30
N VAL A 30 3.36 6.53 -1.22
CA VAL A 30 4.81 6.65 -1.17
C VAL A 30 5.44 5.47 -0.43
N CYS A 1 4.99 4.70 -0.47
CA CYS A 1 5.48 3.38 -0.13
C CYS A 1 6.18 2.81 -1.36
N GLY A 2 5.48 2.86 -2.48
CA GLY A 2 6.03 2.37 -3.73
C GLY A 2 5.77 0.90 -3.95
N GLU A 3 5.24 0.22 -2.93
CA GLU A 3 4.97 -1.20 -3.06
C GLU A 3 3.60 -1.48 -3.64
N THR A 4 3.45 -2.70 -4.12
CA THR A 4 2.22 -3.17 -4.71
C THR A 4 1.57 -4.22 -3.82
N CYS A 5 0.25 -4.30 -3.87
CA CYS A 5 -0.48 -5.24 -3.04
C CYS A 5 -1.59 -5.92 -3.82
N PHE A 6 -1.22 -6.75 -4.79
CA PHE A 6 -2.20 -7.47 -5.60
C PHE A 6 -3.11 -8.33 -4.73
N THR A 7 -2.60 -8.72 -3.57
CA THR A 7 -3.35 -9.54 -2.63
C THR A 7 -4.19 -8.70 -1.66
N GLY A 8 -4.14 -7.39 -1.84
CA GLY A 8 -4.87 -6.49 -0.97
C GLY A 8 -4.29 -6.47 0.42
N THR A 9 -2.98 -6.63 0.49
CA THR A 9 -2.26 -6.64 1.75
C THR A 9 -0.85 -6.10 1.54
N CYS A 10 -0.39 -5.27 2.46
CA CYS A 10 0.93 -4.69 2.32
C CYS A 10 1.89 -5.34 3.28
N TYR A 11 3.09 -5.52 2.80
CA TYR A 11 4.16 -6.12 3.56
C TYR A 11 4.91 -5.04 4.32
N THR A 12 4.85 -3.83 3.80
CA THR A 12 5.51 -2.70 4.42
C THR A 12 4.61 -2.02 5.44
N ASN A 13 5.22 -1.60 6.54
CA ASN A 13 4.52 -0.94 7.64
C ASN A 13 3.92 0.39 7.23
N GLY A 14 2.85 0.73 7.92
CA GLY A 14 2.13 1.97 7.72
C GLY A 14 1.49 2.11 6.36
N CYS A 15 1.59 1.08 5.55
CA CYS A 15 1.00 1.14 4.24
C CYS A 15 -0.16 0.17 4.14
N THR A 16 -1.16 0.60 3.42
CA THR A 16 -2.36 -0.18 3.23
C THR A 16 -2.77 -0.15 1.77
N CYS A 17 -3.42 -1.21 1.33
CA CYS A 17 -3.84 -1.36 -0.04
C CYS A 17 -5.07 -0.52 -0.36
N ASP A 18 -4.94 0.79 -0.23
CA ASP A 18 -6.07 1.68 -0.54
C ASP A 18 -6.29 1.73 -2.06
N PRO A 19 -5.30 2.22 -2.84
CA PRO A 19 -5.41 2.27 -4.28
C PRO A 19 -4.83 1.03 -4.94
N TRP A 20 -5.51 -0.09 -4.73
CA TRP A 20 -5.09 -1.39 -5.27
C TRP A 20 -4.77 -1.25 -6.75
N PRO A 21 -3.71 -1.94 -7.19
CA PRO A 21 -2.90 -2.79 -6.34
C PRO A 21 -1.66 -2.07 -5.79
N VAL A 22 -1.88 -0.92 -5.15
CA VAL A 22 -0.77 -0.13 -4.60
C VAL A 22 -0.98 0.22 -3.13
N CYS A 23 0.11 0.27 -2.38
CA CYS A 23 0.08 0.59 -0.96
C CYS A 23 0.20 2.10 -0.74
N THR A 24 -0.40 2.57 0.34
CA THR A 24 -0.35 3.98 0.71
C THR A 24 -0.10 4.14 2.21
N ARG A 25 0.89 4.94 2.56
CA ARG A 25 1.23 5.22 3.95
C ARG A 25 0.44 6.42 4.40
N ASN A 26 -0.52 6.17 5.28
CA ASN A 26 -1.40 7.23 5.80
C ASN A 26 -2.13 7.90 4.64
N GLY A 27 -2.56 7.07 3.69
CA GLY A 27 -3.27 7.56 2.51
C GLY A 27 -2.37 8.29 1.53
N LEU A 28 -1.07 8.02 1.60
CA LEU A 28 -0.11 8.67 0.70
C LEU A 28 0.70 7.63 -0.04
N PRO A 29 0.85 7.78 -1.37
CA PRO A 29 1.61 6.84 -2.20
C PRO A 29 3.12 6.97 -2.01
N VAL A 30 3.54 6.99 -0.75
CA VAL A 30 4.95 7.13 -0.41
C VAL A 30 5.53 5.80 0.05
N CYS A 1 4.62 4.27 -0.52
CA CYS A 1 5.13 3.06 0.10
C CYS A 1 6.15 2.39 -0.81
N GLY A 2 5.95 2.56 -2.10
CA GLY A 2 6.84 1.97 -3.08
C GLY A 2 6.46 0.54 -3.42
N GLU A 3 5.68 -0.07 -2.54
CA GLU A 3 5.25 -1.44 -2.76
C GLU A 3 3.95 -1.52 -3.53
N THR A 4 3.53 -2.75 -3.74
CA THR A 4 2.30 -3.05 -4.43
C THR A 4 1.56 -4.14 -3.66
N CYS A 5 0.25 -4.12 -3.70
CA CYS A 5 -0.54 -5.09 -2.97
C CYS A 5 -1.58 -5.76 -3.84
N PHE A 6 -1.14 -6.52 -4.83
CA PHE A 6 -2.05 -7.22 -5.71
C PHE A 6 -2.95 -8.16 -4.92
N THR A 7 -2.44 -8.66 -3.81
CA THR A 7 -3.19 -9.55 -2.94
C THR A 7 -3.98 -8.81 -1.88
N GLY A 8 -4.03 -7.50 -2.01
CA GLY A 8 -4.74 -6.68 -1.04
C GLY A 8 -4.07 -6.69 0.31
N THR A 9 -2.76 -6.78 0.29
CA THR A 9 -1.96 -6.82 1.50
C THR A 9 -0.59 -6.20 1.26
N CYS A 10 -0.14 -5.35 2.17
CA CYS A 10 1.15 -4.71 2.03
C CYS A 10 2.16 -5.44 2.86
N TYR A 11 3.36 -5.46 2.37
CA TYR A 11 4.46 -6.11 3.03
C TYR A 11 5.16 -5.11 3.94
N THR A 12 5.07 -3.85 3.57
CA THR A 12 5.67 -2.80 4.34
C THR A 12 4.68 -2.23 5.34
N ASN A 13 5.18 -1.88 6.51
CA ASN A 13 4.36 -1.35 7.58
C ASN A 13 3.95 0.09 7.30
N GLY A 14 2.91 0.52 8.00
CA GLY A 14 2.40 1.86 7.86
C GLY A 14 1.76 2.10 6.51
N CYS A 15 1.29 1.03 5.88
CA CYS A 15 0.64 1.14 4.59
C CYS A 15 -0.60 0.27 4.53
N THR A 16 -1.51 0.68 3.68
CA THR A 16 -2.76 -0.02 3.49
C THR A 16 -3.06 -0.12 2.01
N CYS A 17 -3.71 -1.21 1.62
CA CYS A 17 -4.03 -1.45 0.22
C CYS A 17 -5.29 -0.70 -0.18
N ASP A 18 -5.22 0.60 -0.15
CA ASP A 18 -6.37 1.43 -0.53
C ASP A 18 -6.46 1.59 -2.05
N PRO A 19 -5.44 2.18 -2.71
CA PRO A 19 -5.44 2.34 -4.15
C PRO A 19 -4.85 1.13 -4.86
N TRP A 20 -5.51 0.00 -4.70
CA TRP A 20 -5.09 -1.27 -5.30
C TRP A 20 -4.74 -1.06 -6.77
N PRO A 21 -3.66 -1.72 -7.23
CA PRO A 21 -2.86 -2.60 -6.40
C PRO A 21 -1.66 -1.88 -5.76
N VAL A 22 -1.91 -0.74 -5.14
CA VAL A 22 -0.85 0.05 -4.52
C VAL A 22 -1.15 0.35 -3.05
N CYS A 23 -0.09 0.46 -2.26
CA CYS A 23 -0.19 0.75 -0.83
C CYS A 23 -0.18 2.27 -0.57
N THR A 24 -0.86 2.67 0.49
CA THR A 24 -0.93 4.07 0.89
C THR A 24 -0.43 4.25 2.31
N ARG A 25 0.55 5.13 2.47
CA ARG A 25 1.12 5.45 3.76
C ARG A 25 0.67 6.84 4.13
N ASN A 26 -0.11 6.93 5.20
CA ASN A 26 -0.66 8.20 5.67
C ASN A 26 -1.53 8.83 4.58
N GLY A 27 -2.19 7.98 3.81
CA GLY A 27 -3.06 8.43 2.73
C GLY A 27 -2.31 8.81 1.47
N LEU A 28 -1.03 8.44 1.39
CA LEU A 28 -0.22 8.75 0.21
C LEU A 28 0.46 7.48 -0.29
N PRO A 29 0.39 7.22 -1.61
CA PRO A 29 1.01 6.03 -2.22
C PRO A 29 2.53 6.13 -2.29
N VAL A 30 3.14 6.48 -1.16
CA VAL A 30 4.58 6.63 -1.06
C VAL A 30 5.21 5.44 -0.34
N CYS A 1 4.67 4.11 -0.68
CA CYS A 1 5.19 2.93 0.00
C CYS A 1 6.19 2.23 -0.89
N GLY A 2 6.00 2.37 -2.20
CA GLY A 2 6.89 1.75 -3.15
C GLY A 2 6.46 0.35 -3.52
N GLU A 3 5.73 -0.28 -2.62
CA GLU A 3 5.25 -1.63 -2.85
C GLU A 3 3.91 -1.65 -3.54
N THR A 4 3.49 -2.86 -3.86
CA THR A 4 2.21 -3.11 -4.50
C THR A 4 1.46 -4.17 -3.72
N CYS A 5 0.15 -4.07 -3.70
CA CYS A 5 -0.66 -5.02 -2.95
C CYS A 5 -1.65 -5.75 -3.84
N PHE A 6 -1.15 -6.54 -4.79
CA PHE A 6 -2.01 -7.30 -5.68
C PHE A 6 -2.93 -8.21 -4.88
N THR A 7 -2.41 -8.75 -3.79
CA THR A 7 -3.19 -9.63 -2.93
C THR A 7 -3.88 -8.83 -1.80
N GLY A 8 -4.01 -7.52 -2.01
CA GLY A 8 -4.64 -6.66 -1.02
C GLY A 8 -3.92 -6.68 0.32
N THR A 9 -2.60 -6.78 0.26
CA THR A 9 -1.77 -6.83 1.46
C THR A 9 -0.43 -6.17 1.17
N CYS A 10 0.09 -5.44 2.15
CA CYS A 10 1.37 -4.76 1.99
C CYS A 10 2.37 -5.32 2.98
N TYR A 11 3.60 -5.35 2.53
CA TYR A 11 4.69 -5.82 3.34
C TYR A 11 5.26 -4.65 4.12
N THR A 12 5.12 -3.47 3.53
CA THR A 12 5.57 -2.24 4.15
C THR A 12 4.63 -1.86 5.28
N ASN A 13 5.19 -1.53 6.43
CA ASN A 13 4.39 -1.14 7.59
C ASN A 13 3.76 0.21 7.37
N GLY A 14 2.65 0.41 8.05
CA GLY A 14 1.91 1.65 7.97
C GLY A 14 1.25 1.88 6.61
N CYS A 15 1.26 0.86 5.76
CA CYS A 15 0.64 0.96 4.46
C CYS A 15 -0.58 0.09 4.37
N THR A 16 -1.51 0.52 3.57
CA THR A 16 -2.76 -0.20 3.36
C THR A 16 -3.08 -0.24 1.87
N CYS A 17 -3.79 -1.28 1.47
CA CYS A 17 -4.15 -1.46 0.08
C CYS A 17 -5.36 -0.63 -0.30
N ASP A 18 -5.21 0.68 -0.24
CA ASP A 18 -6.32 1.57 -0.59
C ASP A 18 -6.49 1.67 -2.10
N PRO A 19 -5.50 2.20 -2.84
CA PRO A 19 -5.58 2.31 -4.29
C PRO A 19 -4.97 1.10 -4.99
N TRP A 20 -5.63 -0.04 -4.81
CA TRP A 20 -5.17 -1.31 -5.39
C TRP A 20 -4.81 -1.11 -6.86
N PRO A 21 -3.72 -1.76 -7.30
CA PRO A 21 -2.91 -2.60 -6.44
C PRO A 21 -1.72 -1.86 -5.83
N VAL A 22 -2.00 -0.71 -5.22
CA VAL A 22 -0.95 0.11 -4.61
C VAL A 22 -1.20 0.36 -3.13
N CYS A 23 -0.12 0.48 -2.38
CA CYS A 23 -0.17 0.73 -0.94
C CYS A 23 -0.15 2.22 -0.63
N THR A 24 -0.82 2.61 0.44
CA THR A 24 -0.86 3.99 0.89
C THR A 24 -0.52 4.08 2.37
N ARG A 25 0.35 5.02 2.70
CA ARG A 25 0.76 5.25 4.07
C ARG A 25 0.56 6.72 4.39
N ASN A 26 -0.18 6.99 5.46
CA ASN A 26 -0.48 8.36 5.88
C ASN A 26 -1.19 9.09 4.74
N GLY A 27 -2.08 8.37 4.06
CA GLY A 27 -2.84 8.92 2.96
C GLY A 27 -1.97 9.26 1.76
N LEU A 28 -0.88 8.53 1.59
CA LEU A 28 0.04 8.76 0.47
C LEU A 28 0.57 7.43 -0.07
N PRO A 29 0.43 7.20 -1.37
CA PRO A 29 0.91 5.96 -2.03
C PRO A 29 2.42 5.97 -2.24
N VAL A 30 3.14 6.38 -1.21
CA VAL A 30 4.59 6.46 -1.28
C VAL A 30 5.22 5.31 -0.49
N CYS A 1 4.68 4.53 -0.67
CA CYS A 1 5.20 3.29 -0.13
C CYS A 1 6.21 2.71 -1.11
N GLY A 2 5.79 2.66 -2.36
CA GLY A 2 6.64 2.13 -3.41
C GLY A 2 6.32 0.68 -3.67
N GLU A 3 5.65 0.07 -2.70
CA GLU A 3 5.26 -1.33 -2.81
C GLU A 3 3.90 -1.50 -3.45
N THR A 4 3.59 -2.74 -3.79
CA THR A 4 2.34 -3.10 -4.40
C THR A 4 1.63 -4.16 -3.57
N CYS A 5 0.30 -4.17 -3.64
CA CYS A 5 -0.49 -5.13 -2.87
C CYS A 5 -1.55 -5.79 -3.72
N PHE A 6 -1.12 -6.59 -4.69
CA PHE A 6 -2.05 -7.29 -5.57
C PHE A 6 -2.98 -8.20 -4.76
N THR A 7 -2.52 -8.62 -3.61
CA THR A 7 -3.30 -9.48 -2.73
C THR A 7 -4.15 -8.68 -1.76
N GLY A 8 -4.15 -7.37 -1.92
CA GLY A 8 -4.91 -6.50 -1.04
C GLY A 8 -4.32 -6.47 0.35
N THR A 9 -3.01 -6.64 0.41
CA THR A 9 -2.28 -6.65 1.67
C THR A 9 -0.87 -6.13 1.44
N CYS A 10 -0.42 -5.23 2.30
CA CYS A 10 0.91 -4.67 2.15
C CYS A 10 1.89 -5.45 3.00
N TYR A 11 3.07 -5.60 2.45
CA TYR A 11 4.14 -6.32 3.10
C TYR A 11 4.95 -5.36 3.96
N THR A 12 4.90 -4.10 3.59
CA THR A 12 5.60 -3.07 4.33
C THR A 12 4.69 -2.39 5.33
N ASN A 13 5.22 -2.13 6.52
CA ASN A 13 4.46 -1.48 7.58
C ASN A 13 4.21 -0.02 7.24
N GLY A 14 3.20 0.53 7.88
CA GLY A 14 2.83 1.91 7.66
C GLY A 14 2.18 2.13 6.31
N CYS A 15 1.62 1.06 5.74
CA CYS A 15 0.96 1.14 4.45
C CYS A 15 -0.30 0.31 4.44
N THR A 16 -1.24 0.74 3.64
CA THR A 16 -2.50 0.05 3.49
C THR A 16 -2.85 -0.02 2.00
N CYS A 17 -3.54 -1.09 1.62
CA CYS A 17 -3.90 -1.30 0.24
C CYS A 17 -5.12 -0.48 -0.15
N ASP A 18 -4.98 0.82 -0.12
CA ASP A 18 -6.10 1.71 -0.48
C ASP A 18 -6.26 1.78 -2.00
N PRO A 19 -5.26 2.27 -2.75
CA PRO A 19 -5.35 2.36 -4.20
C PRO A 19 -4.77 1.12 -4.87
N TRP A 20 -5.44 0.00 -4.69
CA TRP A 20 -5.02 -1.29 -5.25
C TRP A 20 -4.66 -1.13 -6.73
N PRO A 21 -3.58 -1.79 -7.15
CA PRO A 21 -2.79 -2.66 -6.29
C PRO A 21 -1.59 -1.94 -5.69
N VAL A 22 -1.82 -0.79 -5.09
CA VAL A 22 -0.74 0.02 -4.50
C VAL A 22 -1.00 0.32 -3.02
N CYS A 23 0.07 0.43 -2.25
CA CYS A 23 0.00 0.74 -0.82
C CYS A 23 0.08 2.25 -0.58
N THR A 24 -0.53 2.69 0.51
CA THR A 24 -0.53 4.11 0.89
C THR A 24 -0.16 4.31 2.36
N ARG A 25 0.77 5.22 2.60
CA ARG A 25 1.19 5.56 3.95
C ARG A 25 0.29 6.68 4.46
N ASN A 26 -0.83 6.29 5.04
CA ASN A 26 -1.83 7.23 5.55
C ASN A 26 -2.41 8.04 4.39
N GLY A 27 -2.88 7.31 3.37
CA GLY A 27 -3.47 7.93 2.20
C GLY A 27 -2.45 8.49 1.22
N LEU A 28 -1.17 8.22 1.45
CA LEU A 28 -0.13 8.71 0.57
C LEU A 28 0.56 7.55 -0.14
N PRO A 29 0.51 7.52 -1.48
CA PRO A 29 1.12 6.44 -2.28
C PRO A 29 2.64 6.55 -2.33
N VAL A 30 3.24 6.80 -1.17
CA VAL A 30 4.67 6.93 -1.06
C VAL A 30 5.28 5.68 -0.40
N CYS A 1 4.75 4.67 -0.88
CA CYS A 1 5.34 3.51 -0.24
C CYS A 1 6.28 2.82 -1.21
N GLY A 2 5.84 2.73 -2.44
CA GLY A 2 6.64 2.09 -3.47
C GLY A 2 6.26 0.64 -3.66
N GLU A 3 5.59 0.08 -2.68
CA GLU A 3 5.17 -1.31 -2.74
C GLU A 3 3.83 -1.48 -3.42
N THR A 4 3.59 -2.70 -3.83
CA THR A 4 2.35 -3.07 -4.48
C THR A 4 1.65 -4.17 -3.68
N CYS A 5 0.34 -4.23 -3.77
CA CYS A 5 -0.42 -5.20 -3.01
C CYS A 5 -1.50 -5.85 -3.86
N PHE A 6 -1.09 -6.65 -4.83
CA PHE A 6 -2.04 -7.33 -5.71
C PHE A 6 -2.96 -8.24 -4.89
N THR A 7 -2.49 -8.67 -3.74
CA THR A 7 -3.25 -9.53 -2.85
C THR A 7 -4.13 -8.74 -1.89
N GLY A 8 -4.10 -7.42 -2.02
CA GLY A 8 -4.88 -6.57 -1.16
C GLY A 8 -4.31 -6.53 0.24
N THR A 9 -3.01 -6.66 0.32
CA THR A 9 -2.31 -6.67 1.60
C THR A 9 -0.90 -6.11 1.42
N CYS A 10 -0.50 -5.20 2.29
CA CYS A 10 0.82 -4.61 2.20
C CYS A 10 1.79 -5.40 3.04
N TYR A 11 2.98 -5.53 2.51
CA TYR A 11 4.04 -6.27 3.17
C TYR A 11 4.83 -5.34 4.08
N THR A 12 4.77 -4.05 3.77
CA THR A 12 5.47 -3.06 4.55
C THR A 12 4.51 -2.35 5.51
N ASN A 13 4.99 -2.12 6.72
CA ASN A 13 4.21 -1.46 7.75
C ASN A 13 3.99 0.01 7.41
N GLY A 14 2.96 0.57 8.00
CA GLY A 14 2.63 1.97 7.80
C GLY A 14 1.90 2.23 6.49
N CYS A 15 1.71 1.20 5.68
CA CYS A 15 1.02 1.36 4.42
C CYS A 15 -0.19 0.44 4.37
N THR A 16 -1.18 0.87 3.62
CA THR A 16 -2.41 0.13 3.46
C THR A 16 -2.76 0.01 1.99
N CYS A 17 -3.38 -1.11 1.64
CA CYS A 17 -3.76 -1.38 0.26
C CYS A 17 -5.04 -0.66 -0.12
N ASP A 18 -5.00 0.65 -0.08
CA ASP A 18 -6.18 1.44 -0.44
C ASP A 18 -6.31 1.58 -1.96
N PRO A 19 -5.30 2.17 -2.66
CA PRO A 19 -5.34 2.30 -4.11
C PRO A 19 -4.76 1.09 -4.80
N TRP A 20 -5.43 -0.04 -4.64
CA TRP A 20 -5.01 -1.31 -5.23
C TRP A 20 -4.65 -1.13 -6.70
N PRO A 21 -3.59 -1.79 -7.15
CA PRO A 21 -2.79 -2.67 -6.31
C PRO A 21 -1.56 -1.96 -5.71
N VAL A 22 -1.80 -0.82 -5.06
CA VAL A 22 -0.72 -0.04 -4.47
C VAL A 22 -0.99 0.31 -3.01
N CYS A 23 0.08 0.42 -2.22
CA CYS A 23 -0.01 0.75 -0.81
C CYS A 23 0.03 2.26 -0.59
N THR A 24 -0.59 2.70 0.49
CA THR A 24 -0.63 4.11 0.86
C THR A 24 -0.23 4.31 2.31
N ARG A 25 0.77 5.15 2.53
CA ARG A 25 1.24 5.45 3.87
C ARG A 25 0.47 6.64 4.37
N ASN A 26 -0.49 6.39 5.26
CA ASN A 26 -1.35 7.43 5.81
C ASN A 26 -2.11 8.13 4.69
N GLY A 27 -2.50 7.34 3.70
CA GLY A 27 -3.24 7.86 2.56
C GLY A 27 -2.34 8.40 1.45
N LEU A 28 -1.03 8.22 1.58
CA LEU A 28 -0.10 8.69 0.56
C LEU A 28 0.53 7.52 -0.16
N PRO A 29 0.36 7.43 -1.49
CA PRO A 29 0.92 6.34 -2.30
C PRO A 29 2.43 6.50 -2.52
N VAL A 30 3.13 6.83 -1.45
CA VAL A 30 4.58 7.01 -1.51
C VAL A 30 5.28 5.88 -0.77
N CYS A 1 5.04 4.27 -0.24
CA CYS A 1 5.38 2.96 0.31
C CYS A 1 6.33 2.25 -0.63
N GLY A 2 6.13 2.44 -1.92
CA GLY A 2 6.97 1.82 -2.92
C GLY A 2 6.51 0.44 -3.30
N GLU A 3 5.83 -0.22 -2.37
CA GLU A 3 5.33 -1.57 -2.61
C GLU A 3 3.93 -1.59 -3.17
N THR A 4 3.54 -2.78 -3.58
CA THR A 4 2.23 -3.03 -4.14
C THR A 4 1.46 -3.99 -3.25
N CYS A 5 0.22 -4.27 -3.61
CA CYS A 5 -0.62 -5.16 -2.83
C CYS A 5 -1.64 -5.87 -3.69
N PHE A 6 -1.18 -6.61 -4.69
CA PHE A 6 -2.08 -7.35 -5.59
C PHE A 6 -2.97 -8.29 -4.78
N THR A 7 -2.45 -8.79 -3.68
CA THR A 7 -3.19 -9.69 -2.82
C THR A 7 -3.98 -8.96 -1.74
N GLY A 8 -4.08 -7.65 -1.89
CA GLY A 8 -4.80 -6.84 -0.92
C GLY A 8 -4.09 -6.84 0.42
N THR A 9 -2.77 -6.90 0.36
CA THR A 9 -1.94 -6.91 1.54
C THR A 9 -0.62 -6.23 1.23
N CYS A 10 -0.19 -5.34 2.11
CA CYS A 10 1.05 -4.61 1.90
C CYS A 10 2.21 -5.30 2.57
N TYR A 11 3.34 -5.20 1.90
CA TYR A 11 4.58 -5.75 2.37
C TYR A 11 5.29 -4.73 3.23
N THR A 12 5.00 -3.46 2.96
CA THR A 12 5.59 -2.36 3.71
C THR A 12 4.68 -1.99 4.87
N ASN A 13 5.27 -1.77 6.04
CA ASN A 13 4.54 -1.40 7.23
C ASN A 13 4.05 0.04 7.13
N GLY A 14 3.01 0.34 7.87
CA GLY A 14 2.42 1.66 7.88
C GLY A 14 1.76 2.00 6.56
N CYS A 15 1.32 0.97 5.85
CA CYS A 15 0.67 1.17 4.57
C CYS A 15 -0.56 0.29 4.47
N THR A 16 -1.49 0.72 3.66
CA THR A 16 -2.73 -0.01 3.44
C THR A 16 -3.06 -0.02 1.96
N CYS A 17 -3.67 -1.12 1.53
CA CYS A 17 -4.04 -1.30 0.13
C CYS A 17 -5.30 -0.55 -0.22
N ASP A 18 -5.24 0.77 -0.14
CA ASP A 18 -6.39 1.60 -0.48
C ASP A 18 -6.60 1.63 -1.99
N PRO A 19 -5.64 2.15 -2.77
CA PRO A 19 -5.74 2.20 -4.21
C PRO A 19 -5.11 0.98 -4.87
N TRP A 20 -5.74 -0.16 -4.67
CA TRP A 20 -5.27 -1.43 -5.22
C TRP A 20 -4.92 -1.28 -6.70
N PRO A 21 -3.83 -1.92 -7.13
CA PRO A 21 -3.00 -2.74 -6.26
C PRO A 21 -1.80 -1.98 -5.70
N VAL A 22 -2.08 -0.82 -5.10
CA VAL A 22 -1.02 0.03 -4.54
C VAL A 22 -1.26 0.35 -3.07
N CYS A 23 -0.17 0.48 -2.33
CA CYS A 23 -0.21 0.80 -0.90
C CYS A 23 -0.15 2.32 -0.69
N THR A 24 -0.73 2.76 0.41
CA THR A 24 -0.75 4.17 0.76
C THR A 24 -0.44 4.37 2.24
N ARG A 25 0.58 5.19 2.50
CA ARG A 25 0.98 5.51 3.85
C ARG A 25 0.33 6.83 4.22
N ASN A 26 -0.64 6.76 5.12
CA ASN A 26 -1.38 7.95 5.56
C ASN A 26 -2.02 8.64 4.35
N GLY A 27 -2.58 7.83 3.45
CA GLY A 27 -3.22 8.34 2.26
C GLY A 27 -2.24 8.85 1.20
N LEU A 28 -0.98 8.44 1.31
CA LEU A 28 0.04 8.86 0.35
C LEU A 28 0.79 7.64 -0.19
N PRO A 29 0.95 7.56 -1.52
CA PRO A 29 1.65 6.43 -2.17
C PRO A 29 3.16 6.44 -1.94
N VAL A 30 3.55 6.64 -0.70
CA VAL A 30 4.96 6.68 -0.33
C VAL A 30 5.38 5.39 0.36
N CYS A 1 4.95 4.42 -0.42
CA CYS A 1 5.34 3.14 0.12
C CYS A 1 6.30 2.47 -0.83
N GLY A 2 6.02 2.63 -2.13
CA GLY A 2 6.85 2.04 -3.15
C GLY A 2 6.41 0.65 -3.53
N GLU A 3 5.83 -0.05 -2.58
CA GLU A 3 5.36 -1.40 -2.80
C GLU A 3 3.93 -1.44 -3.32
N THR A 4 3.55 -2.62 -3.78
CA THR A 4 2.22 -2.87 -4.31
C THR A 4 1.52 -3.93 -3.46
N CYS A 5 0.26 -4.18 -3.75
CA CYS A 5 -0.49 -5.16 -2.98
C CYS A 5 -1.57 -5.83 -3.81
N PHE A 6 -1.15 -6.60 -4.81
CA PHE A 6 -2.10 -7.31 -5.67
C PHE A 6 -2.99 -8.25 -4.85
N THR A 7 -2.48 -8.68 -3.71
CA THR A 7 -3.21 -9.58 -2.83
C THR A 7 -4.07 -8.82 -1.83
N GLY A 8 -4.09 -7.51 -1.95
CA GLY A 8 -4.87 -6.68 -1.04
C GLY A 8 -4.27 -6.67 0.35
N THR A 9 -2.95 -6.76 0.38
CA THR A 9 -2.21 -6.77 1.63
C THR A 9 -0.83 -6.16 1.40
N CYS A 10 -0.43 -5.27 2.28
CA CYS A 10 0.86 -4.62 2.14
C CYS A 10 1.91 -5.31 2.97
N TYR A 11 3.08 -5.39 2.39
CA TYR A 11 4.23 -5.98 3.02
C TYR A 11 4.98 -4.92 3.79
N THR A 12 4.84 -3.68 3.31
CA THR A 12 5.48 -2.54 3.95
C THR A 12 4.64 -2.06 5.12
N ASN A 13 5.30 -1.85 6.26
CA ASN A 13 4.60 -1.37 7.44
C ASN A 13 4.17 0.08 7.24
N GLY A 14 3.13 0.44 7.95
CA GLY A 14 2.58 1.77 7.87
C GLY A 14 1.95 2.06 6.53
N CYS A 15 1.50 1.01 5.84
CA CYS A 15 0.87 1.17 4.55
C CYS A 15 -0.40 0.33 4.48
N THR A 16 -1.30 0.75 3.63
CA THR A 16 -2.56 0.07 3.46
C THR A 16 -2.88 -0.06 1.98
N CYS A 17 -3.54 -1.14 1.63
CA CYS A 17 -3.90 -1.41 0.24
C CYS A 17 -5.18 -0.68 -0.14
N ASP A 18 -5.11 0.64 -0.12
CA ASP A 18 -6.27 1.45 -0.47
C ASP A 18 -6.43 1.56 -1.99
N PRO A 19 -5.43 2.12 -2.71
CA PRO A 19 -5.50 2.24 -4.15
C PRO A 19 -4.93 1.02 -4.85
N TRP A 20 -5.61 -0.12 -4.65
CA TRP A 20 -5.20 -1.39 -5.23
C TRP A 20 -4.89 -1.23 -6.72
N PRO A 21 -3.84 -1.89 -7.19
CA PRO A 21 -3.01 -2.76 -6.36
C PRO A 21 -1.78 -2.03 -5.79
N VAL A 22 -2.01 -0.88 -5.17
CA VAL A 22 -0.92 -0.08 -4.61
C VAL A 22 -1.15 0.24 -3.13
N CYS A 23 -0.06 0.36 -2.38
CA CYS A 23 -0.10 0.68 -0.96
C CYS A 23 -0.06 2.19 -0.74
N THR A 24 -0.61 2.62 0.39
CA THR A 24 -0.64 4.02 0.76
C THR A 24 -0.25 4.22 2.21
N ARG A 25 0.68 5.12 2.43
CA ARG A 25 1.16 5.45 3.76
C ARG A 25 0.43 6.70 4.23
N ASN A 26 -0.58 6.52 5.08
CA ASN A 26 -1.39 7.63 5.58
C ASN A 26 -2.07 8.35 4.42
N GLY A 27 -2.63 7.56 3.51
CA GLY A 27 -3.31 8.10 2.34
C GLY A 27 -2.38 8.69 1.30
N LEU A 28 -1.11 8.30 1.35
CA LEU A 28 -0.12 8.80 0.39
C LEU A 28 0.64 7.62 -0.22
N PRO A 29 0.75 7.57 -1.55
CA PRO A 29 1.46 6.49 -2.26
C PRO A 29 2.98 6.55 -2.07
N VAL A 30 3.41 6.76 -0.85
CA VAL A 30 4.81 6.84 -0.52
C VAL A 30 5.29 5.56 0.19
N CYS A 1 4.55 4.51 -0.70
CA CYS A 1 5.13 3.34 -0.08
C CYS A 1 6.16 2.76 -1.02
N GLY A 2 5.80 2.71 -2.29
CA GLY A 2 6.68 2.17 -3.30
C GLY A 2 6.37 0.73 -3.58
N GLU A 3 5.69 0.09 -2.64
CA GLU A 3 5.31 -1.30 -2.76
C GLU A 3 3.97 -1.47 -3.43
N THR A 4 3.67 -2.70 -3.79
CA THR A 4 2.43 -3.07 -4.43
C THR A 4 1.73 -4.14 -3.62
N CYS A 5 0.42 -4.24 -3.77
CA CYS A 5 -0.36 -5.21 -3.02
C CYS A 5 -1.42 -5.87 -3.89
N PHE A 6 -0.97 -6.67 -4.86
CA PHE A 6 -1.90 -7.38 -5.75
C PHE A 6 -2.81 -8.29 -4.95
N THR A 7 -2.35 -8.72 -3.79
CA THR A 7 -3.11 -9.59 -2.91
C THR A 7 -4.01 -8.82 -1.96
N GLY A 8 -4.01 -7.50 -2.11
CA GLY A 8 -4.82 -6.65 -1.26
C GLY A 8 -4.28 -6.61 0.15
N THR A 9 -2.96 -6.74 0.25
CA THR A 9 -2.27 -6.73 1.53
C THR A 9 -0.88 -6.17 1.36
N CYS A 10 -0.49 -5.26 2.23
CA CYS A 10 0.84 -4.66 2.13
C CYS A 10 1.80 -5.41 3.02
N TYR A 11 3.00 -5.55 2.51
CA TYR A 11 4.06 -6.25 3.20
C TYR A 11 4.82 -5.27 4.08
N THR A 12 4.75 -4.00 3.72
CA THR A 12 5.43 -2.96 4.47
C THR A 12 4.49 -2.32 5.48
N ASN A 13 5.02 -2.06 6.66
CA ASN A 13 4.24 -1.45 7.72
C ASN A 13 3.92 0.01 7.39
N GLY A 14 2.88 0.51 8.02
CA GLY A 14 2.45 1.87 7.81
C GLY A 14 1.79 2.09 6.46
N CYS A 15 1.48 1.00 5.76
CA CYS A 15 0.84 1.09 4.47
C CYS A 15 -0.37 0.19 4.41
N THR A 16 -1.32 0.61 3.62
CA THR A 16 -2.55 -0.13 3.43
C THR A 16 -2.91 -0.17 1.96
N CYS A 17 -3.50 -1.27 1.53
CA CYS A 17 -3.86 -1.46 0.12
C CYS A 17 -5.15 -0.73 -0.24
N ASP A 18 -5.11 0.58 -0.14
CA ASP A 18 -6.29 1.39 -0.49
C ASP A 18 -6.43 1.49 -2.01
N PRO A 19 -5.44 2.07 -2.73
CA PRO A 19 -5.50 2.18 -4.17
C PRO A 19 -4.87 0.98 -4.86
N TRP A 20 -5.52 -0.17 -4.71
CA TRP A 20 -5.05 -1.43 -5.29
C TRP A 20 -4.70 -1.24 -6.76
N PRO A 21 -3.61 -1.87 -7.21
CA PRO A 21 -2.79 -2.72 -6.36
C PRO A 21 -1.60 -1.98 -5.75
N VAL A 22 -1.88 -0.83 -5.13
CA VAL A 22 -0.82 -0.01 -4.54
C VAL A 22 -1.11 0.29 -3.06
N CYS A 23 -0.03 0.41 -2.29
CA CYS A 23 -0.11 0.70 -0.86
C CYS A 23 -0.11 2.21 -0.61
N THR A 24 -0.75 2.61 0.48
CA THR A 24 -0.82 4.02 0.89
C THR A 24 -0.27 4.19 2.30
N ARG A 25 0.64 5.13 2.44
CA ARG A 25 1.26 5.44 3.71
C ARG A 25 0.90 6.86 4.10
N ASN A 26 0.24 7.00 5.23
CA ASN A 26 -0.20 8.31 5.73
C ASN A 26 -1.13 8.97 4.70
N GLY A 27 -2.00 8.14 4.12
CA GLY A 27 -2.95 8.61 3.12
C GLY A 27 -2.30 9.05 1.82
N LEU A 28 -1.15 8.48 1.52
CA LEU A 28 -0.43 8.81 0.29
C LEU A 28 0.27 7.58 -0.26
N PRO A 29 0.17 7.32 -1.57
CA PRO A 29 0.80 6.15 -2.21
C PRO A 29 2.31 6.30 -2.33
N VAL A 30 2.94 6.69 -1.24
CA VAL A 30 4.39 6.88 -1.21
C VAL A 30 5.05 5.72 -0.47
N CYS A 1 5.10 4.68 -0.29
CA CYS A 1 5.45 3.30 -0.03
C CYS A 1 6.09 2.72 -1.27
N GLY A 2 5.38 2.86 -2.39
CA GLY A 2 5.89 2.37 -3.65
C GLY A 2 5.66 0.90 -3.85
N GLU A 3 5.13 0.23 -2.84
CA GLU A 3 4.88 -1.20 -2.93
C GLU A 3 3.52 -1.50 -3.52
N THR A 4 3.41 -2.72 -4.02
CA THR A 4 2.19 -3.20 -4.62
C THR A 4 1.54 -4.26 -3.74
N CYS A 5 0.22 -4.32 -3.78
CA CYS A 5 -0.52 -5.28 -2.97
C CYS A 5 -1.62 -5.95 -3.79
N PHE A 6 -1.23 -6.75 -4.76
CA PHE A 6 -2.19 -7.45 -5.60
C PHE A 6 -3.09 -8.35 -4.76
N THR A 7 -2.56 -8.83 -3.65
CA THR A 7 -3.31 -9.69 -2.76
C THR A 7 -4.09 -8.88 -1.71
N GLY A 8 -4.12 -7.56 -1.90
CA GLY A 8 -4.83 -6.69 -0.98
C GLY A 8 -4.20 -6.69 0.40
N THR A 9 -2.89 -6.82 0.43
CA THR A 9 -2.13 -6.84 1.67
C THR A 9 -0.75 -6.26 1.43
N CYS A 10 -0.31 -5.39 2.32
CA CYS A 10 0.99 -4.76 2.18
C CYS A 10 2.01 -5.52 3.01
N TYR A 11 3.19 -5.59 2.45
CA TYR A 11 4.30 -6.27 3.08
C TYR A 11 5.06 -5.30 3.97
N THR A 12 4.95 -4.03 3.66
CA THR A 12 5.61 -3.00 4.42
C THR A 12 4.64 -2.36 5.40
N ASN A 13 5.12 -2.11 6.61
CA ASN A 13 4.31 -1.51 7.66
C ASN A 13 4.06 -0.04 7.38
N GLY A 14 2.99 0.46 7.96
CA GLY A 14 2.61 1.85 7.81
C GLY A 14 1.97 2.14 6.47
N CYS A 15 1.62 1.10 5.73
CA CYS A 15 0.98 1.28 4.44
C CYS A 15 -0.27 0.43 4.36
N THR A 16 -1.21 0.88 3.56
CA THR A 16 -2.48 0.21 3.39
C THR A 16 -2.81 0.06 1.91
N CYS A 17 -3.45 -1.05 1.58
CA CYS A 17 -3.82 -1.34 0.20
C CYS A 17 -5.09 -0.61 -0.20
N ASP A 18 -5.03 0.71 -0.17
CA ASP A 18 -6.19 1.52 -0.56
C ASP A 18 -6.33 1.60 -2.08
N PRO A 19 -5.33 2.16 -2.81
CA PRO A 19 -5.37 2.26 -4.25
C PRO A 19 -4.81 1.01 -4.91
N TRP A 20 -5.50 -0.10 -4.72
CA TRP A 20 -5.10 -1.39 -5.26
C TRP A 20 -4.76 -1.26 -6.74
N PRO A 21 -3.69 -1.95 -7.17
CA PRO A 21 -2.91 -2.82 -6.31
C PRO A 21 -1.67 -2.12 -5.74
N VAL A 22 -1.89 -0.97 -5.10
CA VAL A 22 -0.78 -0.19 -4.54
C VAL A 22 -1.03 0.19 -3.08
N CYS A 23 0.05 0.26 -2.30
CA CYS A 23 -0.03 0.64 -0.89
C CYS A 23 0.09 2.14 -0.72
N THR A 24 -0.50 2.66 0.35
CA THR A 24 -0.45 4.07 0.66
C THR A 24 -0.12 4.31 2.12
N ARG A 25 0.81 5.20 2.36
CA ARG A 25 1.22 5.55 3.71
C ARG A 25 0.43 6.76 4.16
N ASN A 26 -0.55 6.53 5.01
CA ASN A 26 -1.44 7.59 5.51
C ASN A 26 -2.16 8.27 4.35
N GLY A 27 -2.66 7.44 3.43
CA GLY A 27 -3.37 7.94 2.26
C GLY A 27 -2.48 8.67 1.28
N LEU A 28 -1.20 8.32 1.27
CA LEU A 28 -0.24 8.95 0.37
C LEU A 28 0.65 7.89 -0.25
N PRO A 29 1.04 8.07 -1.52
CA PRO A 29 1.90 7.10 -2.24
C PRO A 29 3.35 7.12 -1.75
N VAL A 30 3.51 7.03 -0.44
CA VAL A 30 4.83 7.05 0.18
C VAL A 30 5.22 5.63 0.62
N CYS A 1 4.79 4.12 -0.31
CA CYS A 1 5.25 2.90 0.32
C CYS A 1 6.29 2.24 -0.55
N GLY A 2 6.08 2.35 -1.86
CA GLY A 2 7.00 1.75 -2.81
C GLY A 2 6.54 0.38 -3.23
N GLU A 3 5.86 -0.29 -2.33
CA GLU A 3 5.35 -1.62 -2.59
C GLU A 3 3.95 -1.59 -3.20
N THR A 4 3.55 -2.73 -3.69
CA THR A 4 2.24 -2.93 -4.28
C THR A 4 1.48 -3.96 -3.46
N CYS A 5 0.22 -4.20 -3.79
CA CYS A 5 -0.57 -5.16 -3.04
C CYS A 5 -1.62 -5.83 -3.90
N PHE A 6 -1.18 -6.57 -4.91
CA PHE A 6 -2.10 -7.28 -5.79
C PHE A 6 -2.98 -8.25 -4.98
N THR A 7 -2.43 -8.74 -3.89
CA THR A 7 -3.14 -9.67 -3.03
C THR A 7 -3.91 -8.96 -1.92
N GLY A 8 -4.00 -7.64 -2.02
CA GLY A 8 -4.70 -6.85 -1.03
C GLY A 8 -3.99 -6.89 0.30
N THR A 9 -2.67 -6.92 0.25
CA THR A 9 -1.84 -6.97 1.44
C THR A 9 -0.53 -6.24 1.18
N CYS A 10 -0.12 -5.40 2.11
CA CYS A 10 1.11 -4.64 1.95
C CYS A 10 2.23 -5.24 2.74
N TYR A 11 3.40 -5.15 2.14
CA TYR A 11 4.63 -5.63 2.74
C TYR A 11 5.25 -4.52 3.56
N THR A 12 4.98 -3.29 3.14
CA THR A 12 5.49 -2.12 3.83
C THR A 12 4.63 -1.80 5.04
N ASN A 13 5.27 -1.55 6.19
CA ASN A 13 4.55 -1.23 7.40
C ASN A 13 3.92 0.16 7.30
N GLY A 14 2.84 0.32 8.03
CA GLY A 14 2.12 1.57 8.04
C GLY A 14 1.46 1.87 6.72
N CYS A 15 1.23 0.82 5.92
CA CYS A 15 0.61 0.99 4.63
C CYS A 15 -0.65 0.16 4.53
N THR A 16 -1.54 0.58 3.66
CA THR A 16 -2.79 -0.10 3.44
C THR A 16 -3.08 -0.21 1.95
N CYS A 17 -3.72 -1.29 1.57
CA CYS A 17 -4.05 -1.53 0.17
C CYS A 17 -5.33 -0.81 -0.22
N ASP A 18 -5.28 0.50 -0.16
CA ASP A 18 -6.45 1.30 -0.53
C ASP A 18 -6.58 1.45 -2.04
N PRO A 19 -5.58 2.05 -2.72
CA PRO A 19 -5.62 2.21 -4.16
C PRO A 19 -5.03 1.01 -4.88
N TRP A 20 -5.67 -0.14 -4.69
CA TRP A 20 -5.24 -1.40 -5.29
C TRP A 20 -4.93 -1.21 -6.77
N PRO A 21 -3.86 -1.85 -7.24
CA PRO A 21 -3.02 -2.71 -6.43
C PRO A 21 -1.82 -1.98 -5.83
N VAL A 22 -2.08 -0.82 -5.22
CA VAL A 22 -1.02 -0.01 -4.63
C VAL A 22 -1.28 0.29 -3.15
N CYS A 23 -0.20 0.45 -2.39
CA CYS A 23 -0.26 0.74 -0.96
C CYS A 23 -0.28 2.23 -0.70
N THR A 24 -0.84 2.60 0.44
CA THR A 24 -0.93 3.99 0.86
C THR A 24 -0.50 4.14 2.30
N ARG A 25 0.31 5.15 2.56
CA ARG A 25 0.82 5.43 3.89
C ARG A 25 0.64 6.91 4.16
N ASN A 26 -0.04 7.22 5.26
CA ASN A 26 -0.32 8.61 5.63
C ASN A 26 -1.11 9.29 4.52
N GLY A 27 -1.99 8.53 3.89
CA GLY A 27 -2.82 9.03 2.81
C GLY A 27 -2.05 9.33 1.54
N LEU A 28 -0.95 8.62 1.33
CA LEU A 28 -0.12 8.81 0.15
C LEU A 28 0.55 7.50 -0.26
N PRO A 29 0.58 7.19 -1.57
CA PRO A 29 1.19 5.97 -2.09
C PRO A 29 2.72 6.03 -2.05
N VAL A 30 3.24 6.38 -0.89
CA VAL A 30 4.68 6.51 -0.69
C VAL A 30 5.24 5.30 0.07
N CYS A 1 4.77 4.53 -0.69
CA CYS A 1 5.42 3.35 -0.16
C CYS A 1 6.32 2.75 -1.23
N GLY A 2 5.80 2.70 -2.45
CA GLY A 2 6.55 2.15 -3.55
C GLY A 2 6.21 0.71 -3.80
N GLU A 3 5.58 0.09 -2.81
CA GLU A 3 5.20 -1.32 -2.92
C GLU A 3 3.84 -1.49 -3.55
N THR A 4 3.57 -2.72 -3.93
CA THR A 4 2.31 -3.09 -4.53
C THR A 4 1.62 -4.18 -3.71
N CYS A 5 0.30 -4.20 -3.74
CA CYS A 5 -0.45 -5.17 -2.97
C CYS A 5 -1.51 -5.86 -3.82
N PHE A 6 -1.07 -6.63 -4.80
CA PHE A 6 -2.00 -7.36 -5.67
C PHE A 6 -2.92 -8.27 -4.85
N THR A 7 -2.44 -8.69 -3.69
CA THR A 7 -3.21 -9.56 -2.82
C THR A 7 -4.08 -8.77 -1.84
N GLY A 8 -4.07 -7.46 -1.98
CA GLY A 8 -4.85 -6.61 -1.11
C GLY A 8 -4.27 -6.58 0.29
N THR A 9 -2.96 -6.70 0.36
CA THR A 9 -2.24 -6.70 1.62
C THR A 9 -0.84 -6.14 1.42
N CYS A 10 -0.43 -5.24 2.30
CA CYS A 10 0.89 -4.64 2.19
C CYS A 10 1.87 -5.35 3.08
N TYR A 11 3.06 -5.46 2.58
CA TYR A 11 4.16 -6.11 3.29
C TYR A 11 4.89 -5.09 4.14
N THR A 12 4.79 -3.83 3.70
CA THR A 12 5.43 -2.73 4.41
C THR A 12 4.47 -2.16 5.46
N ASN A 13 5.00 -1.89 6.64
CA ASN A 13 4.21 -1.33 7.72
C ASN A 13 3.85 0.11 7.41
N GLY A 14 2.77 0.56 8.02
CA GLY A 14 2.31 1.92 7.83
C GLY A 14 1.60 2.13 6.52
N CYS A 15 1.59 1.11 5.66
CA CYS A 15 0.93 1.20 4.38
C CYS A 15 -0.26 0.28 4.33
N THR A 16 -1.24 0.67 3.55
CA THR A 16 -2.45 -0.10 3.39
C THR A 16 -2.82 -0.18 1.92
N CYS A 17 -3.51 -1.24 1.54
CA CYS A 17 -3.90 -1.45 0.16
C CYS A 17 -5.14 -0.65 -0.20
N ASP A 18 -5.01 0.66 -0.16
CA ASP A 18 -6.14 1.52 -0.51
C ASP A 18 -6.30 1.63 -2.03
N PRO A 19 -5.29 2.16 -2.76
CA PRO A 19 -5.37 2.28 -4.21
C PRO A 19 -4.78 1.05 -4.90
N TRP A 20 -5.45 -0.07 -4.73
CA TRP A 20 -5.03 -1.34 -5.31
C TRP A 20 -4.67 -1.17 -6.78
N PRO A 21 -3.60 -1.83 -7.23
CA PRO A 21 -2.79 -2.69 -6.38
C PRO A 21 -1.58 -1.97 -5.78
N VAL A 22 -1.83 -0.82 -5.16
CA VAL A 22 -0.74 -0.01 -4.57
C VAL A 22 -1.02 0.29 -3.10
N CYS A 23 0.05 0.42 -2.32
CA CYS A 23 -0.03 0.71 -0.89
C CYS A 23 0.01 2.22 -0.63
N THR A 24 -0.68 2.63 0.43
CA THR A 24 -0.72 4.03 0.84
C THR A 24 -0.27 4.17 2.29
N ARG A 25 0.73 5.02 2.50
CA ARG A 25 1.24 5.28 3.83
C ARG A 25 0.69 6.62 4.28
N ASN A 26 -0.15 6.58 5.30
CA ASN A 26 -0.77 7.80 5.85
C ASN A 26 -1.59 8.50 4.78
N GLY A 27 -2.31 7.71 3.99
CA GLY A 27 -3.15 8.23 2.94
C GLY A 27 -2.37 8.74 1.73
N LEU A 28 -1.13 8.28 1.59
CA LEU A 28 -0.29 8.70 0.48
C LEU A 28 0.43 7.49 -0.12
N PRO A 29 0.31 7.27 -1.43
CA PRO A 29 0.96 6.14 -2.12
C PRO A 29 2.46 6.33 -2.29
N VAL A 30 3.12 6.66 -1.19
CA VAL A 30 4.56 6.90 -1.19
C VAL A 30 5.32 5.73 -0.58
N CYS A 1 4.62 4.36 -0.46
CA CYS A 1 5.08 3.16 0.22
C CYS A 1 6.14 2.46 -0.61
N GLY A 2 6.01 2.56 -1.92
CA GLY A 2 6.94 1.92 -2.82
C GLY A 2 6.55 0.48 -3.09
N GLU A 3 5.80 -0.09 -2.17
CA GLU A 3 5.34 -1.47 -2.31
C GLU A 3 4.01 -1.56 -3.02
N THR A 4 3.63 -2.79 -3.29
CA THR A 4 2.38 -3.08 -3.96
C THR A 4 1.57 -4.06 -3.13
N CYS A 5 0.32 -4.30 -3.53
CA CYS A 5 -0.53 -5.21 -2.80
C CYS A 5 -1.54 -5.88 -3.70
N PHE A 6 -1.05 -6.61 -4.71
CA PHE A 6 -1.94 -7.31 -5.64
C PHE A 6 -2.85 -8.27 -4.88
N THR A 7 -2.36 -8.78 -3.76
CA THR A 7 -3.12 -9.71 -2.94
C THR A 7 -3.97 -8.99 -1.90
N GLY A 8 -4.08 -7.68 -2.03
CA GLY A 8 -4.84 -6.88 -1.09
C GLY A 8 -4.18 -6.87 0.28
N THR A 9 -2.86 -6.91 0.26
CA THR A 9 -2.07 -6.92 1.48
C THR A 9 -0.72 -6.26 1.20
N CYS A 10 -0.33 -5.33 2.06
CA CYS A 10 0.92 -4.63 1.90
C CYS A 10 2.06 -5.41 2.49
N TYR A 11 3.18 -5.31 1.82
CA TYR A 11 4.40 -5.97 2.22
C TYR A 11 5.17 -5.07 3.17
N THR A 12 4.95 -3.77 3.03
CA THR A 12 5.61 -2.80 3.89
C THR A 12 4.64 -2.29 4.96
N ASN A 13 5.18 -2.04 6.13
CA ASN A 13 4.39 -1.57 7.26
C ASN A 13 4.00 -0.10 7.11
N GLY A 14 3.02 0.30 7.89
CA GLY A 14 2.55 1.67 7.86
C GLY A 14 1.88 2.01 6.54
N CYS A 15 1.29 0.99 5.92
CA CYS A 15 0.62 1.17 4.65
C CYS A 15 -0.63 0.32 4.56
N THR A 16 -1.53 0.73 3.70
CA THR A 16 -2.79 0.04 3.49
C THR A 16 -3.06 -0.08 2.00
N CYS A 17 -3.71 -1.18 1.63
CA CYS A 17 -4.03 -1.45 0.24
C CYS A 17 -5.29 -0.73 -0.18
N ASP A 18 -5.26 0.58 -0.14
CA ASP A 18 -6.42 1.37 -0.53
C ASP A 18 -6.51 1.50 -2.06
N PRO A 19 -5.50 2.08 -2.72
CA PRO A 19 -5.50 2.22 -4.17
C PRO A 19 -4.88 1.01 -4.85
N TRP A 20 -5.52 -0.14 -4.69
CA TRP A 20 -5.06 -1.40 -5.27
C TRP A 20 -4.71 -1.22 -6.73
N PRO A 21 -3.63 -1.86 -7.17
CA PRO A 21 -2.82 -2.72 -6.33
C PRO A 21 -1.63 -1.99 -5.70
N VAL A 22 -1.90 -0.83 -5.12
CA VAL A 22 -0.86 0.00 -4.51
C VAL A 22 -1.18 0.32 -3.04
N CYS A 23 -0.12 0.46 -2.25
CA CYS A 23 -0.24 0.79 -0.83
C CYS A 23 -0.25 2.30 -0.60
N THR A 24 -0.85 2.71 0.51
CA THR A 24 -0.91 4.11 0.88
C THR A 24 -0.44 4.31 2.30
N ARG A 25 0.47 5.25 2.48
CA ARG A 25 1.02 5.58 3.77
C ARG A 25 0.65 7.01 4.12
N ASN A 26 -0.10 7.17 5.19
CA ASN A 26 -0.57 8.49 5.64
C ASN A 26 -1.36 9.16 4.50
N GLY A 27 -2.19 8.37 3.83
CA GLY A 27 -3.00 8.86 2.74
C GLY A 27 -2.21 9.22 1.50
N LEU A 28 -1.04 8.62 1.34
CA LEU A 28 -0.19 8.89 0.19
C LEU A 28 0.46 7.60 -0.30
N PRO A 29 0.43 7.33 -1.61
CA PRO A 29 1.02 6.13 -2.20
C PRO A 29 2.55 6.20 -2.26
N VAL A 30 3.14 6.58 -1.14
CA VAL A 30 4.59 6.71 -1.03
C VAL A 30 5.17 5.54 -0.23
N CYS A 1 4.58 4.61 -0.67
CA CYS A 1 5.18 3.47 0.00
C CYS A 1 6.26 2.88 -0.88
N GLY A 2 5.90 2.70 -2.14
CA GLY A 2 6.83 2.12 -3.09
C GLY A 2 6.51 0.66 -3.32
N GLU A 3 5.77 0.09 -2.38
CA GLU A 3 5.39 -1.31 -2.46
C GLU A 3 4.09 -1.48 -3.22
N THR A 4 3.68 -2.73 -3.36
CA THR A 4 2.44 -3.08 -4.04
C THR A 4 1.66 -4.10 -3.23
N CYS A 5 0.39 -4.27 -3.55
CA CYS A 5 -0.44 -5.22 -2.82
C CYS A 5 -1.46 -5.89 -3.73
N PHE A 6 -0.97 -6.64 -4.70
CA PHE A 6 -1.85 -7.35 -5.63
C PHE A 6 -2.79 -8.29 -4.88
N THR A 7 -2.37 -8.72 -3.71
CA THR A 7 -3.16 -9.62 -2.87
C THR A 7 -4.10 -8.86 -1.95
N GLY A 8 -4.13 -7.55 -2.09
CA GLY A 8 -4.97 -6.72 -1.25
C GLY A 8 -4.44 -6.66 0.17
N THR A 9 -3.12 -6.76 0.27
CA THR A 9 -2.44 -6.72 1.56
C THR A 9 -1.05 -6.14 1.37
N CYS A 10 -0.69 -5.19 2.20
CA CYS A 10 0.62 -4.57 2.08
C CYS A 10 1.67 -5.40 2.78
N TYR A 11 2.81 -5.44 2.14
CA TYR A 11 3.95 -6.18 2.63
C TYR A 11 4.79 -5.29 3.53
N THR A 12 4.68 -3.99 3.31
CA THR A 12 5.40 -3.01 4.10
C THR A 12 4.54 -2.49 5.23
N ASN A 13 5.19 -1.97 6.26
CA ASN A 13 4.49 -1.41 7.41
C ASN A 13 4.16 0.05 7.17
N GLY A 14 3.14 0.51 7.87
CA GLY A 14 2.70 1.87 7.77
C GLY A 14 2.00 2.16 6.45
N CYS A 15 1.48 1.12 5.82
CA CYS A 15 0.78 1.27 4.55
C CYS A 15 -0.41 0.36 4.49
N THR A 16 -1.37 0.73 3.68
CA THR A 16 -2.59 -0.04 3.49
C THR A 16 -2.92 -0.14 2.01
N CYS A 17 -3.58 -1.21 1.64
CA CYS A 17 -3.93 -1.44 0.24
C CYS A 17 -5.17 -0.66 -0.16
N ASP A 18 -5.07 0.65 -0.12
CA ASP A 18 -6.20 1.49 -0.50
C ASP A 18 -6.33 1.59 -2.02
N PRO A 19 -5.31 2.12 -2.73
CA PRO A 19 -5.34 2.23 -4.18
C PRO A 19 -4.73 1.01 -4.86
N TRP A 20 -5.39 -0.13 -4.71
CA TRP A 20 -4.94 -1.39 -5.29
C TRP A 20 -4.56 -1.22 -6.75
N PRO A 21 -3.47 -1.87 -7.17
CA PRO A 21 -2.68 -2.72 -6.30
C PRO A 21 -1.49 -2.00 -5.67
N VAL A 22 -1.76 -0.84 -5.09
CA VAL A 22 -0.73 -0.03 -4.47
C VAL A 22 -1.04 0.29 -3.00
N CYS A 23 0.00 0.47 -2.21
CA CYS A 23 -0.13 0.78 -0.79
C CYS A 23 -0.11 2.29 -0.54
N THR A 24 -0.80 2.70 0.51
CA THR A 24 -0.86 4.11 0.90
C THR A 24 -0.27 4.31 2.29
N ARG A 25 0.76 5.15 2.34
CA ARG A 25 1.42 5.48 3.59
C ARG A 25 0.86 6.80 4.07
N ASN A 26 0.09 6.75 5.15
CA ASN A 26 -0.55 7.94 5.71
C ASN A 26 -1.47 8.59 4.66
N GLY A 27 -2.22 7.75 3.96
CA GLY A 27 -3.14 8.22 2.95
C GLY A 27 -2.46 8.68 1.65
N LEU A 28 -1.19 8.35 1.49
CA LEU A 28 -0.45 8.74 0.29
C LEU A 28 0.28 7.54 -0.28
N PRO A 29 0.14 7.27 -1.59
CA PRO A 29 0.79 6.13 -2.26
C PRO A 29 2.30 6.32 -2.42
N VAL A 30 2.93 6.71 -1.33
CA VAL A 30 4.37 6.94 -1.31
C VAL A 30 5.08 5.83 -0.52
N CYS A 1 4.81 4.69 -0.74
CA CYS A 1 5.40 3.47 -0.22
C CYS A 1 6.27 2.83 -1.30
N GLY A 2 5.72 2.79 -2.51
CA GLY A 2 6.43 2.21 -3.62
C GLY A 2 6.11 0.74 -3.80
N GLU A 3 5.48 0.15 -2.80
CA GLU A 3 5.12 -1.26 -2.86
C GLU A 3 3.77 -1.47 -3.50
N THR A 4 3.54 -2.70 -3.90
CA THR A 4 2.30 -3.10 -4.54
C THR A 4 1.62 -4.17 -3.69
N CYS A 5 0.30 -4.21 -3.74
CA CYS A 5 -0.46 -5.18 -2.95
C CYS A 5 -1.53 -5.86 -3.79
N PHE A 6 -1.10 -6.66 -4.75
CA PHE A 6 -2.03 -7.38 -5.62
C PHE A 6 -2.96 -8.28 -4.79
N THR A 7 -2.48 -8.69 -3.63
CA THR A 7 -3.25 -9.55 -2.73
C THR A 7 -4.12 -8.73 -1.78
N GLY A 8 -4.10 -7.42 -1.94
CA GLY A 8 -4.88 -6.55 -1.08
C GLY A 8 -4.30 -6.51 0.31
N THR A 9 -2.99 -6.64 0.39
CA THR A 9 -2.27 -6.63 1.65
C THR A 9 -0.88 -6.09 1.44
N CYS A 10 -0.46 -5.17 2.31
CA CYS A 10 0.87 -4.59 2.19
C CYS A 10 1.86 -5.39 3.00
N TYR A 11 3.05 -5.45 2.46
CA TYR A 11 4.14 -6.17 3.06
C TYR A 11 4.90 -5.24 4.01
N THR A 12 4.81 -3.96 3.72
CA THR A 12 5.47 -2.96 4.54
C THR A 12 4.46 -2.29 5.47
N ASN A 13 4.88 -2.07 6.71
CA ASN A 13 4.02 -1.45 7.71
C ASN A 13 3.82 0.03 7.41
N GLY A 14 2.78 0.59 8.00
CA GLY A 14 2.46 1.99 7.80
C GLY A 14 1.68 2.24 6.53
N CYS A 15 1.70 1.27 5.62
CA CYS A 15 0.98 1.39 4.37
C CYS A 15 -0.20 0.44 4.34
N THR A 16 -1.19 0.81 3.58
CA THR A 16 -2.39 0.02 3.43
C THR A 16 -2.77 -0.06 1.96
N CYS A 17 -3.42 -1.15 1.59
CA CYS A 17 -3.83 -1.36 0.21
C CYS A 17 -5.07 -0.58 -0.15
N ASP A 18 -4.96 0.73 -0.12
CA ASP A 18 -6.09 1.59 -0.48
C ASP A 18 -6.27 1.67 -2.00
N PRO A 19 -5.27 2.18 -2.74
CA PRO A 19 -5.35 2.28 -4.18
C PRO A 19 -4.76 1.05 -4.87
N TRP A 20 -5.43 -0.07 -4.68
CA TRP A 20 -5.01 -1.35 -5.25
C TRP A 20 -4.66 -1.20 -6.73
N PRO A 21 -3.59 -1.86 -7.17
CA PRO A 21 -2.79 -2.72 -6.31
C PRO A 21 -1.57 -1.99 -5.74
N VAL A 22 -1.80 -0.85 -5.09
CA VAL A 22 -0.71 -0.05 -4.52
C VAL A 22 -0.98 0.30 -3.05
N CYS A 23 0.10 0.40 -2.28
CA CYS A 23 0.00 0.73 -0.85
C CYS A 23 0.07 2.25 -0.62
N THR A 24 -0.58 2.70 0.44
CA THR A 24 -0.61 4.10 0.82
C THR A 24 -0.22 4.27 2.29
N ARG A 25 0.82 5.05 2.54
CA ARG A 25 1.27 5.32 3.88
C ARG A 25 0.52 6.54 4.37
N ASN A 26 -0.41 6.33 5.29
CA ASN A 26 -1.23 7.40 5.85
C ASN A 26 -2.03 8.07 4.72
N GLY A 27 -2.46 7.24 3.76
CA GLY A 27 -3.23 7.74 2.64
C GLY A 27 -2.38 8.31 1.50
N LEU A 28 -1.06 8.14 1.59
CA LEU A 28 -0.16 8.65 0.55
C LEU A 28 0.57 7.50 -0.13
N PRO A 29 0.46 7.39 -1.47
CA PRO A 29 1.12 6.33 -2.23
C PRO A 29 2.62 6.54 -2.37
N VAL A 30 3.27 6.83 -1.26
CA VAL A 30 4.70 7.06 -1.24
C VAL A 30 5.43 5.86 -0.64
N CYS A 1 4.48 4.67 -0.88
CA CYS A 1 5.07 3.56 -0.16
C CYS A 1 6.13 2.93 -1.02
N GLY A 2 5.80 2.74 -2.29
CA GLY A 2 6.71 2.15 -3.22
C GLY A 2 6.40 0.68 -3.42
N GLU A 3 5.71 0.12 -2.44
CA GLU A 3 5.34 -1.29 -2.47
C GLU A 3 4.00 -1.49 -3.17
N THR A 4 3.70 -2.74 -3.45
CA THR A 4 2.46 -3.12 -4.10
C THR A 4 1.71 -4.14 -3.27
N CYS A 5 0.44 -4.34 -3.58
CA CYS A 5 -0.39 -5.28 -2.83
C CYS A 5 -1.42 -5.94 -3.74
N PHE A 6 -0.96 -6.73 -4.69
CA PHE A 6 -1.86 -7.43 -5.61
C PHE A 6 -2.82 -8.34 -4.84
N THR A 7 -2.42 -8.74 -3.65
CA THR A 7 -3.22 -9.61 -2.81
C THR A 7 -4.17 -8.81 -1.92
N GLY A 8 -4.15 -7.49 -2.07
CA GLY A 8 -4.99 -6.63 -1.27
C GLY A 8 -4.49 -6.54 0.15
N THR A 9 -3.18 -6.70 0.30
CA THR A 9 -2.53 -6.65 1.59
C THR A 9 -1.11 -6.14 1.41
N CYS A 10 -0.72 -5.17 2.23
CA CYS A 10 0.61 -4.61 2.12
C CYS A 10 1.60 -5.44 2.88
N TYR A 11 2.76 -5.57 2.28
CA TYR A 11 3.85 -6.33 2.83
C TYR A 11 4.71 -5.41 3.70
N THR A 12 4.66 -4.13 3.40
CA THR A 12 5.41 -3.14 4.13
C THR A 12 4.58 -2.60 5.30
N ASN A 13 5.26 -1.92 6.22
CA ASN A 13 4.58 -1.35 7.38
C ASN A 13 4.18 0.10 7.12
N GLY A 14 3.19 0.53 7.87
CA GLY A 14 2.69 1.88 7.77
C GLY A 14 1.98 2.15 6.45
N CYS A 15 1.55 1.09 5.77
CA CYS A 15 0.84 1.25 4.51
C CYS A 15 -0.36 0.32 4.45
N THR A 16 -1.32 0.71 3.64
CA THR A 16 -2.53 -0.06 3.46
C THR A 16 -2.85 -0.14 1.97
N CYS A 17 -3.52 -1.21 1.57
CA CYS A 17 -3.86 -1.42 0.17
C CYS A 17 -5.09 -0.63 -0.23
N ASP A 18 -4.99 0.68 -0.17
CA ASP A 18 -6.12 1.54 -0.55
C ASP A 18 -6.24 1.62 -2.08
N PRO A 19 -5.22 2.14 -2.80
CA PRO A 19 -5.26 2.23 -4.24
C PRO A 19 -4.65 1.01 -4.91
N TRP A 20 -5.32 -0.12 -4.75
CA TRP A 20 -4.87 -1.40 -5.31
C TRP A 20 -4.47 -1.23 -6.78
N PRO A 21 -3.39 -1.90 -7.18
CA PRO A 21 -2.61 -2.75 -6.30
C PRO A 21 -1.41 -2.01 -5.68
N VAL A 22 -1.68 -0.85 -5.10
CA VAL A 22 -0.64 -0.03 -4.49
C VAL A 22 -0.95 0.28 -3.02
N CYS A 23 0.10 0.47 -2.22
CA CYS A 23 -0.03 0.79 -0.81
C CYS A 23 0.01 2.29 -0.55
N THR A 24 -0.67 2.71 0.51
CA THR A 24 -0.72 4.11 0.92
C THR A 24 -0.26 4.28 2.37
N ARG A 25 0.73 5.14 2.58
CA ARG A 25 1.22 5.42 3.90
C ARG A 25 0.71 6.78 4.32
N ASN A 26 -0.09 6.78 5.39
CA ASN A 26 -0.72 8.00 5.90
C ASN A 26 -1.61 8.63 4.82
N GLY A 27 -2.24 7.76 4.03
CA GLY A 27 -3.11 8.20 2.96
C GLY A 27 -2.38 8.68 1.72
N LEU A 28 -1.09 8.36 1.62
CA LEU A 28 -0.29 8.76 0.47
C LEU A 28 0.31 7.55 -0.20
N PRO A 29 0.10 7.39 -1.52
CA PRO A 29 0.62 6.25 -2.29
C PRO A 29 2.12 6.39 -2.56
N VAL A 30 2.84 6.79 -1.54
CA VAL A 30 4.28 6.96 -1.63
C VAL A 30 4.99 5.88 -0.80
N CYS A 1 4.79 4.66 -0.68
CA CYS A 1 5.36 3.44 -0.15
C CYS A 1 6.25 2.80 -1.21
N GLY A 2 5.72 2.72 -2.43
CA GLY A 2 6.47 2.15 -3.52
C GLY A 2 6.13 0.68 -3.71
N GLU A 3 5.49 0.09 -2.72
CA GLU A 3 5.12 -1.31 -2.79
C GLU A 3 3.76 -1.51 -3.44
N THR A 4 3.54 -2.74 -3.85
CA THR A 4 2.30 -3.14 -4.48
C THR A 4 1.60 -4.20 -3.65
N CYS A 5 0.29 -4.27 -3.74
CA CYS A 5 -0.47 -5.22 -2.96
C CYS A 5 -1.54 -5.90 -3.81
N PHE A 6 -1.11 -6.69 -4.79
CA PHE A 6 -2.04 -7.40 -5.65
C PHE A 6 -2.96 -8.31 -4.84
N THR A 7 -2.47 -8.75 -3.69
CA THR A 7 -3.23 -9.62 -2.80
C THR A 7 -4.09 -8.82 -1.83
N GLY A 8 -4.09 -7.52 -1.98
CA GLY A 8 -4.85 -6.65 -1.09
C GLY A 8 -4.25 -6.62 0.29
N THR A 9 -2.94 -6.75 0.35
CA THR A 9 -2.21 -6.74 1.60
C THR A 9 -0.81 -6.18 1.37
N CYS A 10 -0.39 -5.27 2.24
CA CYS A 10 0.93 -4.67 2.12
C CYS A 10 1.93 -5.47 2.90
N TYR A 11 3.12 -5.51 2.35
CA TYR A 11 4.22 -6.23 2.94
C TYR A 11 4.97 -5.33 3.91
N THR A 12 4.86 -4.04 3.67
CA THR A 12 5.51 -3.06 4.52
C THR A 12 4.48 -2.40 5.44
N ASN A 13 4.88 -2.19 6.68
CA ASN A 13 4.01 -1.57 7.68
C ASN A 13 3.83 -0.09 7.39
N GLY A 14 2.80 0.48 8.00
CA GLY A 14 2.51 1.88 7.81
C GLY A 14 1.74 2.16 6.53
N CYS A 15 1.67 1.17 5.66
CA CYS A 15 0.96 1.32 4.41
C CYS A 15 -0.22 0.36 4.36
N THR A 16 -1.21 0.75 3.59
CA THR A 16 -2.42 -0.04 3.44
C THR A 16 -2.79 -0.12 1.96
N CYS A 17 -3.46 -1.20 1.60
CA CYS A 17 -3.84 -1.43 0.22
C CYS A 17 -5.10 -0.65 -0.15
N ASP A 18 -4.99 0.65 -0.13
CA ASP A 18 -6.13 1.50 -0.49
C ASP A 18 -6.29 1.59 -2.01
N PRO A 19 -5.29 2.13 -2.73
CA PRO A 19 -5.36 2.24 -4.18
C PRO A 19 -4.76 1.01 -4.86
N TRP A 20 -5.44 -0.11 -4.70
CA TRP A 20 -5.01 -1.39 -5.27
C TRP A 20 -4.66 -1.22 -6.73
N PRO A 21 -3.58 -1.88 -7.18
CA PRO A 21 -2.78 -2.75 -6.33
C PRO A 21 -1.57 -2.03 -5.74
N VAL A 22 -1.80 -0.89 -5.10
CA VAL A 22 -0.72 -0.10 -4.52
C VAL A 22 -1.00 0.25 -3.05
N CYS A 23 0.07 0.37 -2.27
CA CYS A 23 -0.03 0.71 -0.85
C CYS A 23 0.01 2.22 -0.62
N THR A 24 -0.67 2.66 0.43
CA THR A 24 -0.70 4.07 0.80
C THR A 24 -0.31 4.25 2.26
N ARG A 25 0.64 5.13 2.50
CA ARG A 25 1.10 5.42 3.84
C ARG A 25 0.56 6.78 4.25
N ASN A 26 -0.29 6.77 5.27
CA ASN A 26 -0.92 7.98 5.78
C ASN A 26 -1.72 8.66 4.65
N GLY A 27 -2.42 7.82 3.88
CA GLY A 27 -3.22 8.30 2.77
C GLY A 27 -2.39 8.85 1.62
N LEU A 28 -1.15 8.39 1.50
CA LEU A 28 -0.26 8.83 0.43
C LEU A 28 0.47 7.64 -0.18
N PRO A 29 0.43 7.50 -1.51
CA PRO A 29 1.08 6.40 -2.23
C PRO A 29 2.60 6.58 -2.29
N VAL A 30 3.20 6.85 -1.14
CA VAL A 30 4.63 7.05 -1.03
C VAL A 30 5.33 5.84 -0.41
#